data_8JM5
#
_entry.id   8JM5
#
_cell.length_a   49.492
_cell.length_b   90.950
_cell.length_c   130.435
_cell.angle_alpha   90.00
_cell.angle_beta   90.00
_cell.angle_gamma   90.00
#
_symmetry.space_group_name_H-M   'P 21 21 21'
#
loop_
_entity.id
_entity.type
_entity.pdbx_description
1 polymer '(R)-mandelonitrile lyase'
2 non-polymer 'FLAVIN-ADENINE DINUCLEOTIDE'
3 non-polymer DI(HYDROXYETHYL)ETHER
4 non-polymer 2-acetamido-2-deoxy-beta-D-glucopyranose
5 non-polymer 1,2-ETHANEDIOL
6 water water
#
_entity_poly.entity_id   1
_entity_poly.type   'polypeptide(L)'
_entity_poly.pdbx_seq_one_letter_code
;IDHHHHHHLANTSAHDFSYLKFVYNATDTSLEGSYDYIVIGGGTSGCPLAATLSEKYKVLLLERGTIATEYPNTLTADGF
AYNLQQQDDGKTPVERFVSEDGIDNVRARILGGTTIINAGVYARANISFYSQTGIEWDLDLVNKTYEWVEDAIVVKPNNQ
SWQSVIGEGFLEAGILPDNGFSLDHEAGTRLTGSTFDNNGTRHAADELLNKGDPNNLLVAVQASVEKILFSSNTSNLSAI
GVIYTDSDGNSHQAFVRGNGEVIVSAGTIGTPQLLLLSGVGPESYLSSLNITVVQPNPYVGQFVYDNPRNFINILPPNPI
EASVVTVLGIRSDYYQVSASVLPFSTPLFSLFPTTSYPLPNSTFAHIVSQVPGPLSHGSVTLNSSSDVRIAPNIKFNYYS
NSTDLANCVSGMKKLGDLLRTKALEPYKARDVLGIDGFNYLGVPLPENQTDDASFETFCLDNVASYWHYHGGSLVGKVLD
DSFRVMGIKALRVVDASTFPYEPNSHPQGFYLMLGRYVGLQILQERSIRLEAIHNIQESM
;
_entity_poly.pdbx_strand_id   B
#
# COMPACT_ATOMS: atom_id res chain seq x y z
N HIS A 6 14.55 -19.47 4.82
CA HIS A 6 15.14 -18.20 4.28
C HIS A 6 16.19 -18.50 3.20
N HIS A 7 16.34 -19.77 2.78
CA HIS A 7 17.15 -20.15 1.59
C HIS A 7 16.66 -19.36 0.38
N HIS A 8 15.35 -19.11 0.31
CA HIS A 8 14.66 -18.69 -0.94
C HIS A 8 14.93 -17.21 -1.28
N LEU A 9 15.35 -16.37 -0.35
CA LEU A 9 15.32 -14.89 -0.49
C LEU A 9 16.17 -14.47 -1.67
N ALA A 10 15.91 -13.28 -2.19
CA ALA A 10 16.65 -12.63 -3.30
C ALA A 10 18.05 -12.22 -2.83
N ASN A 11 18.93 -12.06 -3.81
CA ASN A 11 20.32 -11.53 -3.68
C ASN A 11 20.32 -10.03 -4.02
N THR A 12 21.41 -9.36 -3.68
CA THR A 12 21.74 -8.04 -4.24
C THR A 12 21.76 -8.14 -5.76
N SER A 13 21.07 -7.25 -6.44
CA SER A 13 20.90 -7.33 -7.91
C SER A 13 20.38 -6.02 -8.48
N ALA A 14 20.73 -5.69 -9.71
CA ALA A 14 20.12 -4.55 -10.42
C ALA A 14 18.60 -4.77 -10.53
N HIS A 15 17.82 -3.70 -10.60
CA HIS A 15 16.37 -3.79 -10.87
C HIS A 15 16.19 -4.38 -12.26
N ASP A 16 15.42 -5.46 -12.38
CA ASP A 16 15.30 -6.23 -13.62
C ASP A 16 14.17 -5.63 -14.48
N PHE A 17 14.54 -4.85 -15.51
CA PHE A 17 13.59 -4.30 -16.50
C PHE A 17 13.47 -5.18 -17.79
N SER A 18 13.71 -6.48 -17.73
CA SER A 18 13.65 -7.33 -18.95
C SER A 18 12.24 -7.30 -19.53
N TYR A 19 11.22 -7.19 -18.67
CA TYR A 19 9.78 -7.21 -19.05
C TYR A 19 9.45 -6.03 -19.99
N LEU A 20 10.29 -5.00 -20.09
CA LEU A 20 9.98 -3.82 -20.94
C LEU A 20 9.85 -4.27 -22.39
N LYS A 21 10.37 -5.44 -22.77
CA LYS A 21 10.24 -5.98 -24.14
C LYS A 21 8.76 -6.17 -24.50
N PHE A 22 7.86 -6.32 -23.53
CA PHE A 22 6.41 -6.44 -23.84
C PHE A 22 5.59 -5.31 -23.20
N VAL A 23 6.23 -4.17 -22.94
CA VAL A 23 5.54 -2.94 -22.49
C VAL A 23 5.42 -1.99 -23.68
N TYR A 24 4.23 -1.44 -23.89
CA TYR A 24 3.93 -0.53 -25.02
C TYR A 24 3.15 0.70 -24.52
N ASN A 25 3.34 1.81 -25.19
CA ASN A 25 2.48 3.01 -25.06
C ASN A 25 1.01 2.69 -25.42
N ALA A 26 0.03 3.11 -24.60
CA ALA A 26 -1.41 2.90 -24.86
C ALA A 26 -1.83 3.60 -26.17
N THR A 27 -0.99 4.45 -26.75
CA THR A 27 -1.28 5.07 -28.08
C THR A 27 -1.31 4.01 -29.20
N ASP A 28 -0.73 2.83 -28.97
CA ASP A 28 -0.68 1.75 -29.97
C ASP A 28 -2.03 1.04 -30.07
N THR A 29 -2.78 1.29 -31.18
CA THR A 29 -4.16 0.80 -31.41
C THR A 29 -4.11 -0.71 -31.63
N SER A 30 -2.95 -1.28 -31.95
CA SER A 30 -2.83 -2.75 -32.15
C SER A 30 -2.94 -3.49 -30.81
N LEU A 31 -2.89 -2.79 -29.66
CA LEU A 31 -3.17 -3.42 -28.33
C LEU A 31 -4.68 -3.63 -28.19
N GLU A 32 -5.49 -2.92 -28.97
CA GLU A 32 -6.96 -3.06 -28.89
C GLU A 32 -7.33 -4.45 -29.42
N GLY A 33 -8.37 -5.06 -28.85
CA GLY A 33 -8.86 -6.37 -29.32
C GLY A 33 -9.25 -7.26 -28.18
N SER A 34 -9.34 -8.58 -28.45
CA SER A 34 -9.76 -9.60 -27.47
C SER A 34 -8.58 -10.26 -26.75
N TYR A 35 -8.74 -10.48 -25.45
CA TYR A 35 -7.78 -11.17 -24.58
C TYR A 35 -8.56 -12.17 -23.76
N ASP A 36 -7.84 -13.06 -23.09
CA ASP A 36 -8.47 -13.94 -22.10
C ASP A 36 -8.71 -13.14 -20.80
N TYR A 37 -7.73 -12.34 -20.42
CA TYR A 37 -7.80 -11.53 -19.16
C TYR A 37 -7.35 -10.11 -19.46
N ILE A 38 -8.04 -9.20 -18.79
CA ILE A 38 -7.65 -7.78 -18.71
C ILE A 38 -7.49 -7.45 -17.24
N VAL A 39 -6.30 -6.99 -16.88
CA VAL A 39 -6.01 -6.56 -15.49
C VAL A 39 -5.85 -5.03 -15.53
N ILE A 40 -6.65 -4.37 -14.69
CA ILE A 40 -6.71 -2.89 -14.58
C ILE A 40 -5.86 -2.49 -13.37
N GLY A 41 -4.74 -1.86 -13.63
CA GLY A 41 -3.81 -1.34 -12.60
C GLY A 41 -2.59 -2.25 -12.48
N GLY A 42 -1.44 -1.77 -12.93
CA GLY A 42 -0.18 -2.54 -12.87
C GLY A 42 0.49 -2.29 -11.53
N GLY A 43 -0.17 -2.64 -10.44
CA GLY A 43 0.33 -2.29 -9.11
C GLY A 43 0.78 -3.51 -8.32
N THR A 44 0.66 -3.42 -7.01
CA THR A 44 1.14 -4.41 -6.06
C THR A 44 0.50 -5.78 -6.30
N SER A 45 -0.83 -5.84 -6.33
CA SER A 45 -1.56 -7.06 -6.70
C SER A 45 -1.57 -7.29 -8.23
N GLY A 46 -1.79 -6.24 -9.00
CA GLY A 46 -2.01 -6.38 -10.45
C GLY A 46 -0.86 -7.06 -11.18
N CYS A 47 0.38 -6.65 -10.93
CA CYS A 47 1.55 -7.16 -11.66
C CYS A 47 1.67 -8.68 -11.45
N PRO A 48 1.74 -9.24 -10.22
CA PRO A 48 1.82 -10.69 -10.04
C PRO A 48 0.57 -11.41 -10.57
N LEU A 49 -0.60 -10.78 -10.51
CA LEU A 49 -1.80 -11.43 -11.06
C LEU A 49 -1.65 -11.57 -12.59
N ALA A 50 -1.29 -10.51 -13.29
CA ALA A 50 -1.18 -10.51 -14.76
C ALA A 50 -0.07 -11.51 -15.15
N ALA A 51 1.03 -11.53 -14.42
CA ALA A 51 2.17 -12.44 -14.71
C ALA A 51 1.72 -13.91 -14.58
N THR A 52 1.01 -14.23 -13.49
CA THR A 52 0.45 -15.57 -13.19
C THR A 52 -0.55 -16.00 -14.27
N LEU A 53 -1.50 -15.14 -14.63
CA LEU A 53 -2.52 -15.51 -15.63
C LEU A 53 -1.82 -15.74 -16.99
N SER A 54 -0.72 -15.04 -17.28
CA SER A 54 -0.05 -15.13 -18.60
C SER A 54 0.65 -16.48 -18.80
N GLU A 55 0.82 -17.29 -17.75
CA GLU A 55 1.45 -18.63 -17.86
C GLU A 55 0.65 -19.48 -18.85
N LYS A 56 -0.68 -19.33 -18.89
CA LYS A 56 -1.60 -20.16 -19.73
C LYS A 56 -2.34 -19.31 -20.77
N TYR A 57 -2.58 -18.01 -20.52
CA TYR A 57 -3.61 -17.24 -21.26
C TYR A 57 -3.08 -15.89 -21.73
N LYS A 58 -3.79 -15.28 -22.67
CA LYS A 58 -3.43 -13.97 -23.23
C LYS A 58 -3.98 -12.88 -22.29
N VAL A 59 -3.06 -12.07 -21.78
CA VAL A 59 -3.39 -11.05 -20.75
C VAL A 59 -3.00 -9.68 -21.27
N LEU A 60 -3.85 -8.69 -21.00
CA LEU A 60 -3.53 -7.26 -21.19
C LEU A 60 -3.60 -6.61 -19.82
N LEU A 61 -2.48 -6.04 -19.39
CA LEU A 61 -2.34 -5.26 -18.14
C LEU A 61 -2.36 -3.80 -18.54
N LEU A 62 -3.31 -3.03 -17.99
CA LEU A 62 -3.42 -1.58 -18.27
C LEU A 62 -3.03 -0.80 -17.03
N GLU A 63 -2.01 0.06 -17.13
CA GLU A 63 -1.52 0.97 -16.05
C GLU A 63 -1.57 2.41 -16.54
N ARG A 64 -2.12 3.30 -15.71
CA ARG A 64 -2.25 4.73 -16.02
C ARG A 64 -0.89 5.42 -16.02
N GLY A 65 0.02 4.97 -15.16
CA GLY A 65 1.33 5.63 -15.05
C GLY A 65 2.26 5.19 -16.18
N THR A 66 3.45 5.76 -16.20
CA THR A 66 4.55 5.35 -17.10
C THR A 66 5.43 4.28 -16.42
N ILE A 67 6.60 4.03 -17.01
CA ILE A 67 7.64 3.07 -16.54
C ILE A 67 8.59 3.80 -15.58
N ALA A 68 9.04 3.07 -14.56
CA ALA A 68 9.84 3.55 -13.41
C ALA A 68 11.17 4.12 -13.90
N THR A 69 11.69 3.67 -15.04
CA THR A 69 12.94 4.22 -15.62
C THR A 69 12.78 5.72 -15.90
N GLU A 70 11.57 6.21 -16.12
CA GLU A 70 11.29 7.64 -16.38
C GLU A 70 11.57 8.50 -15.13
N TYR A 71 11.61 7.88 -13.95
CA TYR A 71 11.73 8.55 -12.62
C TYR A 71 12.74 7.76 -11.81
N PRO A 72 14.04 7.98 -12.09
CA PRO A 72 15.10 7.17 -11.50
C PRO A 72 15.13 7.15 -9.97
N ASN A 73 14.68 8.20 -9.32
CA ASN A 73 14.66 8.30 -7.84
C ASN A 73 13.66 7.30 -7.23
N THR A 74 12.82 6.67 -8.04
CA THR A 74 12.00 5.51 -7.56
C THR A 74 12.84 4.25 -7.45
N LEU A 75 14.10 4.20 -7.92
CA LEU A 75 14.83 2.91 -8.03
C LEU A 75 15.87 2.71 -6.91
N THR A 76 15.98 3.62 -5.94
CA THR A 76 16.96 3.48 -4.83
C THR A 76 16.34 3.84 -3.49
N ALA A 77 16.85 3.30 -2.37
CA ALA A 77 16.41 3.78 -1.04
C ALA A 77 16.68 5.28 -0.91
N ASP A 78 17.83 5.77 -1.40
CA ASP A 78 18.23 7.19 -1.25
C ASP A 78 17.19 8.09 -1.90
N GLY A 79 16.50 7.59 -2.92
CA GLY A 79 15.58 8.38 -3.75
C GLY A 79 14.22 8.53 -3.12
N PHE A 80 13.95 7.84 -2.01
CA PHE A 80 12.57 7.76 -1.45
C PHE A 80 12.04 9.17 -1.21
N ALA A 81 12.85 10.01 -0.57
CA ALA A 81 12.42 11.38 -0.18
C ALA A 81 12.07 12.20 -1.42
N TYR A 82 12.89 12.12 -2.46
CA TYR A 82 12.75 12.91 -3.72
C TYR A 82 11.32 12.77 -4.28
N ASN A 83 10.85 11.54 -4.35
CA ASN A 83 9.51 11.24 -4.95
C ASN A 83 8.38 11.90 -4.17
N LEU A 84 8.45 12.00 -2.82
CA LEU A 84 7.45 12.72 -2.01
C LEU A 84 7.70 14.24 -2.02
N GLN A 85 8.92 14.71 -2.30
CA GLN A 85 9.25 16.16 -2.37
C GLN A 85 8.82 16.78 -3.70
N GLN A 86 8.75 15.94 -4.72
CA GLN A 86 8.49 16.31 -6.12
C GLN A 86 7.04 16.78 -6.25
N GLN A 87 6.85 17.89 -6.94
CA GLN A 87 5.50 18.44 -7.24
C GLN A 87 4.75 17.49 -8.15
N ASP A 88 3.46 17.32 -7.90
CA ASP A 88 2.55 16.43 -8.67
C ASP A 88 2.10 17.18 -9.93
N ASP A 89 2.67 16.85 -11.08
CA ASP A 89 2.32 17.48 -12.38
C ASP A 89 1.35 16.59 -13.16
N GLY A 90 0.76 15.56 -12.55
CA GLY A 90 -0.20 14.64 -13.17
C GLY A 90 0.48 13.46 -13.89
N LYS A 91 1.82 13.44 -14.00
CA LYS A 91 2.60 12.38 -14.68
C LYS A 91 3.56 11.67 -13.71
N THR A 92 3.88 12.32 -12.58
CA THR A 92 4.85 11.85 -11.58
C THR A 92 4.34 10.56 -10.92
N PRO A 93 5.27 9.75 -10.39
CA PRO A 93 4.93 8.49 -9.76
C PRO A 93 4.16 8.64 -8.45
N VAL A 94 4.26 9.81 -7.83
CA VAL A 94 3.51 10.12 -6.60
C VAL A 94 2.38 11.09 -6.97
N GLU A 95 1.18 10.61 -6.75
CA GLU A 95 -0.04 11.43 -6.87
C GLU A 95 -0.40 11.88 -5.45
N ARG A 96 -0.46 13.21 -5.25
CA ARG A 96 -0.80 13.84 -3.96
C ARG A 96 -2.31 13.93 -3.82
N PHE A 97 -2.81 13.74 -2.61
CA PHE A 97 -4.23 14.05 -2.27
C PHE A 97 -4.34 14.46 -0.81
N VAL A 98 -5.52 14.99 -0.48
CA VAL A 98 -5.88 15.39 0.91
C VAL A 98 -7.22 14.73 1.21
N SER A 99 -7.31 13.92 2.26
CA SER A 99 -8.59 13.33 2.70
C SER A 99 -9.51 14.50 3.11
N GLU A 100 -10.80 14.28 3.14
CA GLU A 100 -11.77 15.30 3.62
C GLU A 100 -11.51 15.59 5.10
N ASP A 101 -10.84 14.69 5.81
CA ASP A 101 -10.39 14.89 7.21
C ASP A 101 -9.35 16.02 7.29
N GLY A 102 -8.70 16.36 6.20
CA GLY A 102 -7.62 17.36 6.16
C GLY A 102 -6.23 16.75 6.28
N ILE A 103 -6.06 15.45 6.00
CA ILE A 103 -4.76 14.75 6.20
C ILE A 103 -4.16 14.47 4.83
N ASP A 104 -3.00 15.05 4.58
CA ASP A 104 -2.21 14.91 3.35
C ASP A 104 -1.84 13.43 3.16
N ASN A 105 -1.85 12.99 1.92
CA ASN A 105 -1.66 11.55 1.59
C ASN A 105 -1.17 11.45 0.16
N VAL A 106 -0.74 10.24 -0.23
CA VAL A 106 -0.24 9.94 -1.59
C VAL A 106 -0.70 8.54 -2.00
N ARG A 107 -0.79 8.34 -3.30
CA ARG A 107 -0.89 7.00 -3.93
C ARG A 107 0.04 6.96 -5.14
N ALA A 108 0.36 5.77 -5.64
CA ALA A 108 1.31 5.60 -6.76
C ALA A 108 0.58 5.83 -8.08
N ARG A 109 1.36 6.23 -9.07
CA ARG A 109 0.89 6.38 -10.47
C ARG A 109 2.07 5.95 -11.33
N ILE A 110 2.30 4.64 -11.44
CA ILE A 110 3.52 4.11 -12.09
C ILE A 110 3.39 2.61 -12.21
N LEU A 111 4.04 2.03 -13.22
CA LEU A 111 4.06 0.57 -13.40
C LEU A 111 4.88 -0.08 -12.28
N GLY A 112 4.22 -0.93 -11.49
CA GLY A 112 4.67 -1.49 -10.20
C GLY A 112 3.89 -0.93 -9.02
N GLY A 113 3.13 0.14 -9.25
CA GLY A 113 2.28 0.77 -8.25
C GLY A 113 3.02 1.21 -7.01
N THR A 114 2.43 0.98 -5.87
CA THR A 114 2.90 1.59 -4.62
C THR A 114 4.22 0.93 -4.18
N THR A 115 4.55 -0.26 -4.67
CA THR A 115 5.88 -0.91 -4.39
C THR A 115 7.03 -0.10 -5.01
N ILE A 116 6.74 0.83 -5.93
CA ILE A 116 7.78 1.65 -6.61
C ILE A 116 8.04 2.90 -5.78
N ILE A 117 7.16 3.25 -4.82
CA ILE A 117 7.32 4.52 -4.04
C ILE A 117 7.42 4.27 -2.52
N ASN A 118 7.29 3.04 -2.03
CA ASN A 118 6.98 2.83 -0.60
C ASN A 118 8.28 2.76 0.25
N ALA A 119 8.15 2.43 1.52
CA ALA A 119 9.28 2.40 2.47
C ALA A 119 9.99 1.06 2.48
N GLY A 120 9.60 0.10 1.64
CA GLY A 120 10.32 -1.16 1.37
C GLY A 120 10.09 -2.27 2.40
N VAL A 121 9.28 -2.03 3.41
CA VAL A 121 9.21 -3.00 4.54
C VAL A 121 8.43 -4.21 4.03
N TYR A 122 8.98 -5.42 4.23
CA TYR A 122 8.31 -6.68 3.83
C TYR A 122 7.99 -7.55 5.05
N ALA A 123 6.73 -8.00 5.11
CA ALA A 123 6.25 -8.91 6.16
C ALA A 123 5.19 -9.81 5.56
N ARG A 124 5.06 -11.03 6.06
CA ARG A 124 3.92 -11.93 5.74
C ARG A 124 2.76 -11.59 6.66
N ALA A 125 1.54 -11.95 6.28
CA ALA A 125 0.32 -11.74 7.09
C ALA A 125 0.44 -12.46 8.42
N ASN A 126 -0.09 -11.81 9.45
CA ASN A 126 -0.41 -12.44 10.75
C ASN A 126 -1.05 -13.80 10.44
N ILE A 127 -0.52 -14.91 10.95
CA ILE A 127 -1.11 -16.25 10.58
C ILE A 127 -2.56 -16.38 11.07
N SER A 128 -3.02 -15.57 12.00
CA SER A 128 -4.45 -15.61 12.45
C SER A 128 -5.38 -14.92 11.43
N PHE A 129 -4.86 -14.14 10.50
CA PHE A 129 -5.68 -13.34 9.54
C PHE A 129 -6.56 -14.27 8.71
N TYR A 130 -6.00 -15.41 8.27
CA TYR A 130 -6.67 -16.35 7.33
C TYR A 130 -7.98 -16.85 7.96
N SER A 131 -7.93 -17.36 9.18
CA SER A 131 -9.12 -17.85 9.92
C SER A 131 -10.05 -16.70 10.24
N GLN A 132 -9.52 -15.53 10.63
CA GLN A 132 -10.34 -14.31 10.87
C GLN A 132 -11.26 -14.00 9.66
N THR A 133 -10.75 -14.07 8.42
CA THR A 133 -11.54 -13.77 7.19
C THR A 133 -12.68 -14.76 6.97
N GLY A 134 -12.51 -16.01 7.43
CA GLY A 134 -13.40 -17.15 7.13
C GLY A 134 -13.32 -17.56 5.66
N ILE A 135 -12.40 -17.03 4.86
CA ILE A 135 -12.20 -17.49 3.44
C ILE A 135 -11.57 -18.88 3.53
N GLU A 136 -11.88 -19.79 2.61
CA GLU A 136 -11.26 -21.13 2.62
C GLU A 136 -9.93 -21.06 1.89
N TRP A 137 -8.94 -20.51 2.56
CA TRP A 137 -7.60 -20.36 1.96
C TRP A 137 -6.96 -21.72 1.77
N ASP A 138 -6.22 -21.90 0.67
CA ASP A 138 -5.26 -23.00 0.52
C ASP A 138 -3.96 -22.50 1.15
N LEU A 139 -3.75 -22.83 2.43
CA LEU A 139 -2.64 -22.26 3.24
C LEU A 139 -1.28 -22.77 2.74
N ASP A 140 -1.18 -24.02 2.29
CA ASP A 140 0.07 -24.47 1.65
C ASP A 140 0.39 -23.60 0.41
N LEU A 141 -0.60 -23.29 -0.42
CA LEU A 141 -0.38 -22.48 -1.64
C LEU A 141 0.00 -21.03 -1.27
N VAL A 142 -0.63 -20.48 -0.22
CA VAL A 142 -0.31 -19.10 0.27
C VAL A 142 1.19 -19.05 0.53
N ASN A 143 1.71 -20.07 1.25
CA ASN A 143 3.13 -20.08 1.66
C ASN A 143 4.02 -20.27 0.43
N LYS A 144 3.66 -21.13 -0.53
CA LYS A 144 4.45 -21.25 -1.79
C LYS A 144 4.49 -19.90 -2.51
N THR A 145 3.41 -19.13 -2.42
CA THR A 145 3.24 -17.87 -3.19
C THR A 145 4.11 -16.79 -2.54
N TYR A 146 4.12 -16.72 -1.20
CA TYR A 146 5.07 -15.85 -0.48
C TYR A 146 6.51 -16.13 -0.92
N GLU A 147 6.90 -17.41 -1.02
CA GLU A 147 8.30 -17.78 -1.42
C GLU A 147 8.56 -17.36 -2.86
N TRP A 148 7.56 -17.42 -3.72
CA TRP A 148 7.74 -17.01 -5.14
C TRP A 148 8.04 -15.50 -5.17
N VAL A 149 7.31 -14.71 -4.38
CA VAL A 149 7.58 -13.26 -4.28
C VAL A 149 8.97 -13.09 -3.67
N GLU A 150 9.23 -13.72 -2.53
CA GLU A 150 10.45 -13.45 -1.73
C GLU A 150 11.70 -13.82 -2.53
N ASP A 151 11.68 -14.96 -3.24
CA ASP A 151 12.80 -15.39 -4.14
C ASP A 151 13.12 -14.25 -5.12
N ALA A 152 12.14 -13.43 -5.53
CA ALA A 152 12.34 -12.46 -6.60
C ALA A 152 12.81 -11.11 -6.07
N ILE A 153 12.24 -10.62 -4.96
CA ILE A 153 12.38 -9.18 -4.59
C ILE A 153 12.66 -8.91 -3.12
N VAL A 154 12.74 -9.92 -2.24
CA VAL A 154 12.93 -9.66 -0.77
C VAL A 154 14.33 -10.10 -0.33
N VAL A 155 15.01 -9.25 0.45
CA VAL A 155 16.31 -9.63 1.08
C VAL A 155 16.20 -9.61 2.60
N LYS A 156 17.15 -10.30 3.23
CA LYS A 156 17.50 -10.08 4.65
C LYS A 156 18.37 -8.83 4.70
N PRO A 157 17.92 -7.76 5.38
CA PRO A 157 18.63 -6.50 5.40
C PRO A 157 19.93 -6.66 6.21
N ASN A 158 20.97 -5.98 5.78
CA ASN A 158 22.20 -5.82 6.60
C ASN A 158 21.92 -4.92 7.81
N ASN A 159 22.84 -4.88 8.77
CA ASN A 159 22.58 -4.09 10.01
C ASN A 159 22.69 -2.61 9.66
N GLN A 160 21.81 -1.85 10.28
CA GLN A 160 21.85 -0.38 10.21
C GLN A 160 21.86 0.08 11.65
N SER A 161 22.80 0.95 11.93
CA SER A 161 23.08 1.48 13.29
C SER A 161 21.76 1.89 13.99
N TRP A 162 20.98 2.77 13.38
CA TRP A 162 19.76 3.32 14.00
C TRP A 162 18.71 2.22 14.23
N GLN A 163 18.50 1.35 13.24
CA GLN A 163 17.54 0.24 13.39
C GLN A 163 17.97 -0.64 14.57
N SER A 164 19.27 -0.90 14.72
CA SER A 164 19.74 -1.73 15.87
C SER A 164 19.44 -0.99 17.19
N VAL A 165 19.67 0.32 17.26
CA VAL A 165 19.33 1.13 18.48
C VAL A 165 17.84 0.94 18.81
N ILE A 166 16.98 1.15 17.81
CA ILE A 166 15.52 1.09 18.02
C ILE A 166 15.12 -0.32 18.47
N GLY A 167 15.72 -1.35 17.90
CA GLY A 167 15.44 -2.75 18.26
C GLY A 167 15.80 -3.01 19.72
N GLU A 168 16.96 -2.54 20.16
CA GLU A 168 17.41 -2.68 21.57
C GLU A 168 16.44 -1.92 22.46
N GLY A 169 16.01 -0.76 22.01
CA GLY A 169 15.02 0.09 22.71
C GLY A 169 13.68 -0.59 22.85
N PHE A 170 13.11 -1.12 21.76
CA PHE A 170 11.83 -1.87 21.84
C PHE A 170 11.93 -3.01 22.87
N LEU A 171 13.01 -3.80 22.81
CA LEU A 171 13.19 -4.97 23.72
C LEU A 171 13.26 -4.45 25.16
N GLU A 172 14.00 -3.36 25.37
CA GLU A 172 14.23 -2.80 26.73
C GLU A 172 12.91 -2.24 27.23
N ALA A 173 12.08 -1.70 26.33
CA ALA A 173 10.79 -1.11 26.67
C ALA A 173 9.71 -2.20 26.85
N GLY A 174 10.02 -3.48 26.65
CA GLY A 174 9.12 -4.62 26.96
C GLY A 174 8.39 -5.19 25.76
N ILE A 175 8.78 -4.82 24.54
CA ILE A 175 8.13 -5.36 23.31
C ILE A 175 8.81 -6.69 23.04
N LEU A 176 8.33 -7.72 23.73
CA LEU A 176 9.00 -9.02 23.85
C LEU A 176 8.09 -10.04 23.19
N PRO A 177 8.61 -11.19 22.71
CA PRO A 177 10.03 -11.52 22.82
C PRO A 177 10.92 -11.01 21.67
N ASP A 178 12.23 -11.29 21.75
CA ASP A 178 13.19 -11.06 20.65
C ASP A 178 13.00 -12.14 19.57
N ASN A 179 12.52 -11.78 18.37
CA ASN A 179 12.23 -12.77 17.30
C ASN A 179 13.36 -12.80 16.29
N GLY A 180 14.46 -12.08 16.54
CA GLY A 180 15.62 -12.09 15.62
C GLY A 180 15.18 -11.68 14.22
N PHE A 181 15.65 -12.36 13.19
CA PHE A 181 15.27 -12.08 11.78
C PHE A 181 14.10 -13.00 11.47
N SER A 182 12.95 -12.41 11.14
CA SER A 182 11.73 -13.17 10.78
C SER A 182 10.88 -12.31 9.83
N LEU A 183 10.28 -12.94 8.83
CA LEU A 183 9.31 -12.29 7.92
C LEU A 183 7.92 -12.25 8.57
N ASP A 184 7.71 -12.94 9.68
CA ASP A 184 6.35 -13.17 10.22
C ASP A 184 5.91 -12.05 11.15
N HIS A 185 4.66 -11.62 10.96
CA HIS A 185 3.94 -10.69 11.86
C HIS A 185 3.57 -11.41 13.17
N GLU A 186 4.35 -11.18 14.21
CA GLU A 186 4.14 -11.80 15.53
C GLU A 186 4.51 -10.80 16.62
N ALA A 187 3.87 -10.91 17.77
CA ALA A 187 4.22 -10.10 18.96
C ALA A 187 5.74 -10.18 19.17
N GLY A 188 6.37 -9.03 19.41
CA GLY A 188 7.77 -8.91 19.81
C GLY A 188 8.53 -8.08 18.82
N THR A 189 9.86 -8.09 18.95
CA THR A 189 10.77 -7.22 18.20
C THR A 189 11.51 -8.10 17.21
N ARG A 190 11.64 -7.63 15.97
CA ARG A 190 12.36 -8.41 14.96
C ARG A 190 12.97 -7.51 13.88
N LEU A 191 13.93 -8.08 13.18
CA LEU A 191 14.38 -7.64 11.82
C LEU A 191 13.46 -8.35 10.83
N THR A 192 12.79 -7.62 9.94
CA THR A 192 11.93 -8.20 8.90
C THR A 192 12.66 -8.04 7.57
N GLY A 193 12.08 -8.55 6.51
CA GLY A 193 12.64 -8.40 5.15
C GLY A 193 12.43 -7.01 4.60
N SER A 194 13.06 -6.73 3.48
CA SER A 194 13.01 -5.44 2.77
C SER A 194 13.02 -5.68 1.26
N THR A 195 12.31 -4.84 0.51
CA THR A 195 12.30 -4.85 -0.96
C THR A 195 13.38 -3.89 -1.44
N PHE A 196 14.11 -3.23 -0.54
CA PHE A 196 15.39 -2.59 -0.92
C PHE A 196 16.47 -3.63 -0.70
N ASP A 197 17.33 -3.86 -1.68
CA ASP A 197 18.46 -4.82 -1.49
C ASP A 197 19.58 -4.16 -0.67
N ASN A 198 20.66 -4.88 -0.38
CA ASN A 198 21.71 -4.38 0.54
C ASN A 198 22.62 -3.37 -0.16
N ASN A 199 22.42 -3.14 -1.46
CA ASN A 199 23.08 -2.05 -2.22
C ASN A 199 22.19 -0.81 -2.28
N GLY A 200 20.99 -0.86 -1.67
CA GLY A 200 20.02 0.25 -1.75
C GLY A 200 19.21 0.22 -3.06
N THR A 201 19.30 -0.80 -3.90
CA THR A 201 18.45 -0.91 -5.12
C THR A 201 17.02 -1.26 -4.72
N ARG A 202 16.03 -0.49 -5.19
CA ARG A 202 14.62 -0.88 -4.96
C ARG A 202 14.27 -2.02 -5.89
N HIS A 203 13.62 -3.05 -5.33
CA HIS A 203 12.96 -4.15 -6.04
C HIS A 203 11.46 -4.01 -5.80
N ALA A 204 10.66 -4.40 -6.79
CA ALA A 204 9.24 -4.04 -6.73
C ALA A 204 8.37 -4.97 -7.57
N ALA A 205 7.05 -4.74 -7.52
CA ALA A 205 6.03 -5.59 -8.14
C ALA A 205 6.21 -5.63 -9.66
N ASP A 206 6.73 -4.60 -10.29
CA ASP A 206 6.98 -4.61 -11.75
C ASP A 206 7.95 -5.76 -12.11
N GLU A 207 8.88 -6.12 -11.22
CA GLU A 207 9.85 -7.20 -11.51
C GLU A 207 9.12 -8.53 -11.58
N LEU A 208 7.94 -8.68 -10.96
CA LEU A 208 7.25 -9.98 -11.00
C LEU A 208 6.67 -10.20 -12.41
N LEU A 209 6.57 -9.16 -13.23
CA LEU A 209 6.19 -9.29 -14.67
C LEU A 209 7.23 -10.15 -15.41
N ASN A 210 8.46 -10.19 -14.90
CA ASN A 210 9.51 -11.05 -15.49
C ASN A 210 9.15 -12.53 -15.31
N LYS A 211 8.22 -12.90 -14.43
CA LYS A 211 7.76 -14.29 -14.25
C LYS A 211 6.64 -14.60 -15.24
N GLY A 212 6.15 -13.60 -15.97
CA GLY A 212 5.10 -13.80 -16.98
C GLY A 212 5.66 -14.43 -18.25
N ASP A 213 4.78 -14.98 -19.06
CA ASP A 213 5.19 -15.61 -20.34
C ASP A 213 5.26 -14.48 -21.35
N PRO A 214 6.44 -14.15 -21.92
CA PRO A 214 6.56 -13.00 -22.78
C PRO A 214 5.81 -13.11 -24.12
N ASN A 215 5.28 -14.29 -24.45
CA ASN A 215 4.39 -14.52 -25.63
C ASN A 215 2.91 -14.36 -25.28
N ASN A 216 2.57 -14.31 -24.00
CA ASN A 216 1.15 -14.22 -23.56
C ASN A 216 0.83 -12.87 -22.88
N LEU A 217 1.82 -12.14 -22.39
CA LEU A 217 1.55 -10.91 -21.57
C LEU A 217 1.84 -9.66 -22.39
N LEU A 218 0.87 -8.72 -22.44
CA LEU A 218 1.09 -7.37 -23.00
C LEU A 218 0.75 -6.35 -21.91
N VAL A 219 1.55 -5.32 -21.80
CA VAL A 219 1.36 -4.21 -20.81
C VAL A 219 1.21 -2.94 -21.62
N ALA A 220 0.13 -2.21 -21.37
CA ALA A 220 -0.04 -0.84 -21.89
C ALA A 220 0.19 0.15 -20.74
N VAL A 221 1.13 1.09 -20.91
CA VAL A 221 1.40 2.19 -19.95
C VAL A 221 0.79 3.51 -20.48
N GLN A 222 0.60 4.46 -19.57
CA GLN A 222 -0.23 5.68 -19.78
C GLN A 222 -1.56 5.27 -20.41
N ALA A 223 -2.15 4.20 -19.86
CA ALA A 223 -3.49 3.65 -20.19
C ALA A 223 -4.43 3.98 -19.04
N SER A 224 -5.21 5.05 -19.22
CA SER A 224 -6.15 5.52 -18.16
C SER A 224 -7.49 4.82 -18.39
N VAL A 225 -7.82 3.80 -17.61
CA VAL A 225 -9.07 2.99 -17.78
C VAL A 225 -10.24 3.80 -17.19
N GLU A 226 -11.24 4.13 -18.02
CA GLU A 226 -12.31 5.12 -17.73
C GLU A 226 -13.62 4.40 -17.41
N LYS A 227 -13.80 3.20 -17.97
CA LYS A 227 -15.09 2.48 -17.89
C LYS A 227 -14.85 0.98 -18.05
N ILE A 228 -15.54 0.20 -17.24
CA ILE A 228 -15.78 -1.25 -17.46
C ILE A 228 -17.03 -1.40 -18.34
N LEU A 229 -16.91 -2.13 -19.45
CA LEU A 229 -18.00 -2.43 -20.41
C LEU A 229 -18.71 -3.70 -19.98
N PHE A 230 -20.04 -3.74 -20.10
CA PHE A 230 -20.88 -4.90 -19.70
C PHE A 230 -21.69 -5.43 -20.89
N SER A 231 -22.08 -6.72 -20.85
CA SER A 231 -23.02 -7.41 -21.76
C SER A 231 -24.31 -6.59 -21.91
N SER A 235 -29.83 -10.66 -20.34
CA SER A 235 -30.04 -10.21 -18.93
C SER A 235 -29.28 -11.13 -17.96
N ASN A 236 -28.13 -11.68 -18.42
CA ASN A 236 -27.13 -12.42 -17.60
C ASN A 236 -25.83 -11.60 -17.52
N LEU A 237 -25.73 -10.74 -16.51
CA LEU A 237 -24.83 -9.56 -16.53
C LEU A 237 -23.39 -10.01 -16.40
N SER A 238 -22.56 -9.58 -17.35
CA SER A 238 -21.13 -9.92 -17.47
C SER A 238 -20.30 -8.68 -17.81
N ALA A 239 -19.11 -8.57 -17.23
CA ALA A 239 -18.07 -7.67 -17.75
C ALA A 239 -17.59 -8.25 -19.06
N ILE A 240 -17.41 -7.41 -20.07
CA ILE A 240 -16.89 -7.84 -21.41
C ILE A 240 -15.61 -7.11 -21.77
N GLY A 241 -15.31 -5.97 -21.14
CA GLY A 241 -14.08 -5.24 -21.49
C GLY A 241 -14.04 -3.89 -20.83
N VAL A 242 -13.23 -3.01 -21.42
CA VAL A 242 -12.87 -1.67 -20.87
C VAL A 242 -12.73 -0.66 -22.00
N ILE A 243 -12.93 0.58 -21.63
CA ILE A 243 -12.44 1.75 -22.41
C ILE A 243 -11.27 2.36 -21.65
N TYR A 244 -10.24 2.72 -22.39
CA TYR A 244 -9.04 3.38 -21.84
C TYR A 244 -8.65 4.48 -22.78
N THR A 245 -8.13 5.56 -22.23
CA THR A 245 -7.52 6.61 -23.07
C THR A 245 -6.01 6.61 -22.87
N ASP A 246 -5.34 7.16 -23.85
CA ASP A 246 -3.86 7.25 -23.95
C ASP A 246 -3.41 8.67 -23.58
N SER A 247 -2.11 8.91 -23.60
CA SER A 247 -1.46 10.16 -23.12
C SER A 247 -1.84 11.31 -24.05
N ASP A 248 -2.26 11.03 -25.30
CA ASP A 248 -2.75 12.08 -26.23
C ASP A 248 -4.25 12.35 -26.05
N GLY A 249 -4.93 11.58 -25.22
CA GLY A 249 -6.38 11.71 -24.97
C GLY A 249 -7.25 10.86 -25.89
N ASN A 250 -6.70 10.11 -26.85
CA ASN A 250 -7.54 9.21 -27.70
C ASN A 250 -8.02 7.98 -26.89
N SER A 251 -9.18 7.48 -27.27
CA SER A 251 -9.90 6.38 -26.60
C SER A 251 -9.57 5.05 -27.29
N HIS A 252 -9.61 3.98 -26.53
CA HIS A 252 -9.27 2.59 -26.98
C HIS A 252 -10.21 1.63 -26.29
N GLN A 253 -10.49 0.48 -26.92
CA GLN A 253 -11.29 -0.56 -26.27
C GLN A 253 -10.51 -1.87 -26.30
N ALA A 254 -10.66 -2.63 -25.21
CA ALA A 254 -10.24 -4.05 -25.20
C ALA A 254 -11.31 -4.91 -24.57
N PHE A 255 -11.35 -6.19 -24.94
CA PHE A 255 -12.41 -7.11 -24.53
C PHE A 255 -11.81 -8.41 -24.03
N VAL A 256 -12.57 -9.09 -23.18
CA VAL A 256 -12.28 -10.50 -22.81
C VAL A 256 -13.16 -11.38 -23.68
N ARG A 257 -12.78 -12.65 -23.77
CA ARG A 257 -13.47 -13.61 -24.67
C ARG A 257 -13.74 -14.86 -23.86
N GLY A 258 -14.73 -15.63 -24.28
CA GLY A 258 -14.90 -17.00 -23.76
C GLY A 258 -15.09 -16.95 -22.26
N ASN A 259 -14.33 -17.77 -21.53
CA ASN A 259 -14.44 -17.89 -20.05
C ASN A 259 -13.43 -16.96 -19.35
N GLY A 260 -12.97 -15.93 -20.04
CA GLY A 260 -12.02 -14.91 -19.55
C GLY A 260 -12.68 -13.90 -18.61
N GLU A 261 -11.89 -13.04 -17.99
CA GLU A 261 -12.39 -12.14 -16.93
C GLU A 261 -11.63 -10.82 -16.95
N VAL A 262 -12.31 -9.78 -16.48
CA VAL A 262 -11.68 -8.46 -16.19
C VAL A 262 -11.44 -8.47 -14.68
N ILE A 263 -10.21 -8.16 -14.26
CA ILE A 263 -9.90 -7.96 -12.83
C ILE A 263 -9.50 -6.50 -12.62
N VAL A 264 -10.12 -5.88 -11.63
CA VAL A 264 -9.79 -4.50 -11.18
C VAL A 264 -8.78 -4.60 -10.05
N SER A 265 -7.59 -4.02 -10.28
CA SER A 265 -6.42 -4.00 -9.36
C SER A 265 -5.94 -2.57 -9.24
N ALA A 266 -6.88 -1.62 -9.15
CA ALA A 266 -6.58 -0.17 -9.26
C ALA A 266 -6.43 0.48 -7.88
N GLY A 267 -6.39 -0.30 -6.81
CA GLY A 267 -6.09 0.16 -5.45
C GLY A 267 -7.35 0.54 -4.67
N THR A 268 -7.18 0.80 -3.38
CA THR A 268 -8.26 1.28 -2.50
C THR A 268 -9.00 2.47 -3.12
N ILE A 269 -8.28 3.40 -3.76
CA ILE A 269 -8.93 4.61 -4.35
C ILE A 269 -9.40 4.34 -5.79
N GLY A 270 -8.58 3.69 -6.62
CA GLY A 270 -8.87 3.56 -8.06
C GLY A 270 -10.00 2.57 -8.32
N THR A 271 -10.07 1.48 -7.53
CA THR A 271 -11.05 0.40 -7.79
C THR A 271 -12.48 0.91 -7.57
N PRO A 272 -12.83 1.40 -6.37
CA PRO A 272 -14.18 1.88 -6.15
C PRO A 272 -14.50 3.00 -7.15
N GLN A 273 -13.56 3.90 -7.37
CA GLN A 273 -13.79 4.99 -8.34
C GLN A 273 -14.25 4.40 -9.68
N LEU A 274 -13.57 3.38 -10.21
CA LEU A 274 -13.89 2.85 -11.55
C LEU A 274 -15.21 2.08 -11.49
N LEU A 275 -15.45 1.36 -10.41
CA LEU A 275 -16.74 0.65 -10.24
C LEU A 275 -17.90 1.68 -10.27
N LEU A 276 -17.78 2.77 -9.49
CA LEU A 276 -18.85 3.82 -9.46
C LEU A 276 -19.03 4.42 -10.85
N LEU A 277 -17.94 4.78 -11.54
CA LEU A 277 -18.06 5.41 -12.88
C LEU A 277 -18.71 4.44 -13.87
N SER A 278 -18.60 3.13 -13.62
CA SER A 278 -19.11 2.07 -14.54
C SER A 278 -20.53 1.66 -14.14
N GLY A 279 -21.09 2.26 -13.11
CA GLY A 279 -22.48 2.00 -12.70
C GLY A 279 -22.60 0.81 -11.76
N VAL A 280 -21.54 0.51 -11.02
CA VAL A 280 -21.59 -0.53 -9.96
C VAL A 280 -21.50 0.17 -8.62
N GLY A 281 -22.56 0.13 -7.82
CA GLY A 281 -22.49 0.90 -6.56
C GLY A 281 -23.85 1.30 -6.05
N PRO A 282 -23.92 2.18 -5.04
CA PRO A 282 -25.17 2.40 -4.34
C PRO A 282 -26.20 3.05 -5.28
N GLU A 283 -27.40 2.48 -5.35
CA GLU A 283 -28.40 2.85 -6.38
C GLU A 283 -28.84 4.31 -6.24
N SER A 284 -29.17 4.79 -5.04
CA SER A 284 -29.70 6.16 -4.91
C SER A 284 -28.55 7.16 -5.19
N TYR A 285 -27.33 6.89 -4.70
CA TYR A 285 -26.12 7.70 -4.97
C TYR A 285 -25.89 7.80 -6.48
N LEU A 286 -25.76 6.68 -7.18
CA LEU A 286 -25.47 6.72 -8.64
C LEU A 286 -26.61 7.41 -9.41
N SER A 287 -27.84 7.07 -9.08
CA SER A 287 -29.00 7.65 -9.77
C SER A 287 -29.05 9.16 -9.47
N SER A 288 -28.57 9.61 -8.31
CA SER A 288 -28.46 11.07 -7.98
C SER A 288 -27.41 11.75 -8.87
N LEU A 289 -26.47 11.03 -9.46
CA LEU A 289 -25.48 11.63 -10.41
C LEU A 289 -25.89 11.38 -11.87
N ASN A 290 -27.07 10.80 -12.10
CA ASN A 290 -27.60 10.35 -13.43
C ASN A 290 -26.62 9.37 -14.06
N ILE A 291 -25.99 8.52 -13.24
CA ILE A 291 -25.14 7.40 -13.77
C ILE A 291 -26.06 6.19 -13.81
N THR A 292 -26.23 5.57 -14.98
CA THR A 292 -27.07 4.36 -15.18
C THR A 292 -26.51 3.23 -14.32
N VAL A 293 -27.35 2.66 -13.46
CA VAL A 293 -26.95 1.59 -12.51
C VAL A 293 -26.94 0.27 -13.28
N VAL A 294 -25.79 -0.36 -13.39
CA VAL A 294 -25.61 -1.70 -14.01
C VAL A 294 -25.84 -2.73 -12.92
N GLN A 295 -25.36 -2.46 -11.70
CA GLN A 295 -25.44 -3.41 -10.57
C GLN A 295 -25.50 -2.63 -9.25
N PRO A 296 -26.66 -2.62 -8.60
CA PRO A 296 -26.83 -1.92 -7.34
C PRO A 296 -26.08 -2.69 -6.25
N ASN A 297 -25.22 -2.00 -5.55
CA ASN A 297 -24.50 -2.56 -4.39
C ASN A 297 -24.19 -1.40 -3.47
N PRO A 298 -24.78 -1.40 -2.25
CA PRO A 298 -24.63 -0.29 -1.31
C PRO A 298 -23.22 -0.05 -0.77
N TYR A 299 -22.28 -0.95 -1.03
CA TYR A 299 -20.98 -1.00 -0.32
C TYR A 299 -19.79 -0.62 -1.20
N VAL A 300 -20.04 -0.30 -2.48
CA VAL A 300 -18.93 0.14 -3.36
C VAL A 300 -18.46 1.51 -2.86
N GLY A 301 -17.21 1.59 -2.43
CA GLY A 301 -16.65 2.85 -1.91
C GLY A 301 -16.98 3.04 -0.45
N GLN A 302 -17.66 2.09 0.18
CA GLN A 302 -17.93 2.12 1.63
C GLN A 302 -16.90 1.25 2.36
N PHE A 303 -16.72 1.45 3.66
CA PHE A 303 -15.76 0.72 4.50
C PHE A 303 -14.34 0.89 3.93
N VAL A 304 -13.94 2.14 3.87
CA VAL A 304 -12.59 2.59 3.47
C VAL A 304 -11.88 3.01 4.74
N TYR A 305 -10.67 2.53 4.93
CA TYR A 305 -9.94 2.64 6.20
C TYR A 305 -8.55 3.23 5.95
N ASP A 306 -8.05 4.02 6.90
CA ASP A 306 -6.62 4.45 6.95
C ASP A 306 -6.15 4.31 8.40
N ASN A 307 -5.24 3.36 8.62
CA ASN A 307 -4.62 3.13 9.94
C ASN A 307 -3.90 4.41 10.29
N PRO A 308 -4.24 5.02 11.43
CA PRO A 308 -3.49 6.18 11.94
C PRO A 308 -1.99 5.96 12.15
N ARG A 309 -1.19 6.98 11.78
CA ARG A 309 0.22 7.10 12.14
C ARG A 309 0.32 8.21 13.16
N ASN A 310 0.86 7.93 14.37
CA ASN A 310 1.21 8.99 15.34
C ASN A 310 2.70 8.88 15.62
N PHE A 311 3.33 9.97 16.00
CA PHE A 311 4.81 10.01 15.93
C PHE A 311 5.37 11.13 16.81
N ILE A 312 6.65 10.98 17.14
CA ILE A 312 7.50 12.12 17.56
C ILE A 312 8.77 12.10 16.71
N ASN A 313 9.41 13.25 16.66
CA ASN A 313 10.70 13.41 15.98
C ASN A 313 11.71 13.89 17.00
N ILE A 314 12.79 13.15 17.18
CA ILE A 314 13.91 13.60 18.03
C ILE A 314 15.08 14.04 17.14
N LEU A 315 15.78 15.05 17.62
CA LEU A 315 16.95 15.68 16.98
C LEU A 315 18.16 15.43 17.88
N PRO A 316 18.89 14.33 17.64
CA PRO A 316 20.09 14.01 18.40
C PRO A 316 21.15 15.10 18.21
N PRO A 317 21.97 15.37 19.26
CA PRO A 317 22.95 16.45 19.20
C PRO A 317 24.15 16.07 18.34
N ASN A 318 24.36 14.76 18.12
CA ASN A 318 25.37 14.22 17.16
C ASN A 318 24.61 13.59 16.01
N PRO A 319 25.12 13.65 14.75
CA PRO A 319 24.39 13.09 13.63
C PRO A 319 24.20 11.58 13.80
N ILE A 320 23.03 11.11 13.39
CA ILE A 320 22.75 9.67 13.17
C ILE A 320 22.76 9.37 11.66
N GLU A 321 23.06 8.13 11.31
CA GLU A 321 23.05 7.65 9.91
C GLU A 321 21.60 7.44 9.51
N ALA A 322 21.20 7.91 8.33
CA ALA A 322 19.87 7.63 7.75
C ALA A 322 19.75 6.12 7.54
N SER A 323 18.54 5.60 7.72
CA SER A 323 18.26 4.16 7.62
C SER A 323 16.88 4.00 6.96
N VAL A 324 16.69 2.87 6.30
CA VAL A 324 15.34 2.37 5.88
C VAL A 324 14.81 1.49 7.01
N VAL A 325 13.49 1.48 7.18
CA VAL A 325 12.86 0.75 8.31
C VAL A 325 13.04 -0.75 8.05
N THR A 326 13.66 -1.44 9.00
CA THR A 326 13.79 -2.89 8.98
C THR A 326 13.42 -3.50 10.34
N VAL A 327 13.35 -2.72 11.41
CA VAL A 327 13.15 -3.29 12.77
C VAL A 327 11.77 -2.88 13.28
N LEU A 328 10.96 -3.87 13.64
CA LEU A 328 9.55 -3.66 14.03
C LEU A 328 9.34 -4.09 15.48
N GLY A 329 8.56 -3.29 16.20
CA GLY A 329 8.06 -3.62 17.52
C GLY A 329 6.57 -3.83 17.46
N ILE A 330 6.12 -5.08 17.54
CA ILE A 330 4.71 -5.51 17.36
C ILE A 330 4.08 -5.89 18.71
N ARG A 331 2.93 -5.28 18.99
CA ARG A 331 1.91 -5.78 19.95
C ARG A 331 0.60 -5.88 19.21
N SER A 332 -0.41 -6.51 19.81
CA SER A 332 -1.73 -6.61 19.16
C SER A 332 -2.37 -5.23 19.06
N ASP A 333 -2.05 -4.29 19.94
CA ASP A 333 -2.74 -2.97 19.97
C ASP A 333 -1.90 -1.85 19.34
N TYR A 334 -0.68 -2.10 18.88
CA TYR A 334 0.11 -1.05 18.18
C TYR A 334 1.31 -1.70 17.52
N TYR A 335 1.72 -1.14 16.38
CA TYR A 335 2.90 -1.57 15.60
C TYR A 335 3.86 -0.39 15.49
N GLN A 336 5.12 -0.55 15.91
CA GLN A 336 6.02 0.62 16.03
C GLN A 336 7.27 0.39 15.21
N VAL A 337 7.81 1.47 14.66
CA VAL A 337 9.09 1.49 13.90
C VAL A 337 9.68 2.87 14.05
N SER A 338 10.87 3.05 13.49
CA SER A 338 11.47 4.39 13.44
C SER A 338 12.34 4.43 12.18
N ALA A 339 12.24 5.52 11.42
CA ALA A 339 13.24 5.81 10.36
C ALA A 339 14.19 6.88 10.89
N SER A 340 15.44 6.83 10.49
CA SER A 340 16.36 7.99 10.66
C SER A 340 16.49 8.66 9.30
N VAL A 341 16.40 9.99 9.30
CA VAL A 341 16.08 10.79 8.08
C VAL A 341 17.03 11.98 8.00
N LEU A 342 17.54 12.28 6.81
CA LEU A 342 18.41 13.44 6.58
C LEU A 342 17.53 14.68 6.65
N PRO A 343 18.11 15.87 6.98
CA PRO A 343 17.35 17.12 6.95
C PRO A 343 17.01 17.53 5.49
N PHE A 344 16.06 18.42 5.32
CA PHE A 344 15.61 18.88 3.97
C PHE A 344 14.99 20.26 4.17
N SER A 345 14.93 21.05 3.10
CA SER A 345 14.23 22.36 3.08
C SER A 345 13.00 22.23 2.18
N THR A 346 12.89 21.17 1.38
CA THR A 346 11.61 20.84 0.67
C THR A 346 10.92 19.70 1.42
N PRO A 347 9.69 19.90 1.93
CA PRO A 347 9.02 18.83 2.66
C PRO A 347 8.69 17.60 1.80
N LEU A 348 8.68 16.45 2.46
CA LEU A 348 8.16 15.18 1.93
C LEU A 348 6.65 15.21 2.10
N PHE A 349 5.92 15.43 1.02
CA PHE A 349 4.46 15.58 1.12
C PHE A 349 3.88 14.34 1.81
N SER A 350 3.06 14.58 2.85
CA SER A 350 2.29 13.59 3.67
C SER A 350 3.15 12.94 4.77
N LEU A 351 4.46 13.14 4.80
CA LEU A 351 5.27 12.68 5.94
C LEU A 351 4.64 13.28 7.20
N PHE A 352 4.36 14.59 7.16
CA PHE A 352 3.61 15.35 8.19
C PHE A 352 2.26 15.64 7.57
N PRO A 353 1.19 15.69 8.38
CA PRO A 353 -0.15 15.67 7.81
C PRO A 353 -0.59 16.97 7.12
N THR A 354 0.12 18.09 7.31
CA THR A 354 -0.16 19.30 6.52
C THR A 354 1.16 19.92 6.12
N THR A 355 1.04 20.84 5.18
CA THR A 355 2.15 21.58 4.58
C THR A 355 2.68 22.58 5.61
N SER A 356 1.95 22.87 6.67
CA SER A 356 2.49 23.78 7.71
C SER A 356 3.07 22.94 8.86
N TYR A 357 4.32 22.52 8.69
CA TYR A 357 5.07 21.70 9.65
C TYR A 357 6.49 22.20 9.59
N PRO A 358 7.20 22.29 10.74
CA PRO A 358 8.60 22.72 10.71
C PRO A 358 9.51 21.86 9.84
N LEU A 359 10.52 22.50 9.26
CA LEU A 359 11.57 21.81 8.49
C LEU A 359 12.70 21.47 9.46
N PRO A 360 13.26 20.25 9.34
CA PRO A 360 14.39 19.85 10.16
C PRO A 360 15.71 20.42 9.61
N ASN A 361 16.56 20.86 10.52
CA ASN A 361 17.91 21.44 10.25
C ASN A 361 19.00 20.39 10.36
N SER A 362 18.72 19.26 10.99
CA SER A 362 19.72 18.20 11.27
C SER A 362 19.04 16.83 11.08
N THR A 363 19.82 15.77 11.08
CA THR A 363 19.28 14.40 11.04
C THR A 363 18.35 14.16 12.24
N PHE A 364 17.25 13.47 11.99
CA PHE A 364 16.21 13.24 13.01
C PHE A 364 15.74 11.78 12.92
N ALA A 365 15.22 11.32 14.05
CA ALA A 365 14.60 10.00 14.15
C ALA A 365 13.10 10.25 14.17
N HIS A 366 12.40 9.73 13.16
CA HIS A 366 10.94 9.70 13.06
C HIS A 366 10.49 8.42 13.77
N ILE A 367 9.88 8.54 14.92
CA ILE A 367 9.55 7.38 15.81
C ILE A 367 8.04 7.24 15.79
N VAL A 368 7.53 6.10 15.30
CA VAL A 368 6.08 6.06 14.96
C VAL A 368 5.36 4.87 15.60
N SER A 369 4.07 5.04 15.75
CA SER A 369 3.12 3.99 16.20
C SER A 369 1.93 3.96 15.24
N GLN A 370 1.51 2.74 14.87
CA GLN A 370 0.37 2.48 13.95
C GLN A 370 -0.75 1.86 14.77
N VAL A 371 -1.96 2.38 14.62
CA VAL A 371 -3.20 1.84 15.22
C VAL A 371 -3.67 0.69 14.33
N PRO A 372 -3.87 -0.51 14.90
CA PRO A 372 -4.39 -1.65 14.16
C PRO A 372 -5.87 -1.52 13.86
N GLY A 373 -6.27 -2.22 12.80
CA GLY A 373 -7.63 -2.19 12.24
C GLY A 373 -7.64 -1.31 11.01
N PRO A 374 -7.98 -0.02 11.11
CA PRO A 374 -8.53 0.59 12.33
C PRO A 374 -10.02 0.19 12.37
N LEU A 375 -10.74 0.58 13.41
CA LEU A 375 -12.23 0.38 13.50
C LEU A 375 -13.01 1.52 12.84
N SER A 376 -12.47 2.73 12.85
CA SER A 376 -12.99 3.92 12.17
C SER A 376 -12.97 3.69 10.65
N HIS A 377 -14.04 4.05 9.97
CA HIS A 377 -14.12 3.88 8.50
C HIS A 377 -14.79 5.09 7.87
N GLY A 378 -14.56 5.25 6.57
CA GLY A 378 -15.20 6.28 5.75
C GLY A 378 -15.48 5.75 4.39
N SER A 379 -15.28 6.59 3.38
CA SER A 379 -15.71 6.24 2.01
C SER A 379 -14.91 6.94 0.93
N VAL A 380 -14.98 6.35 -0.27
CA VAL A 380 -14.63 6.95 -1.58
C VAL A 380 -15.93 7.26 -2.32
N THR A 381 -16.05 8.50 -2.78
CA THR A 381 -17.18 8.99 -3.59
C THR A 381 -16.57 9.78 -4.76
N LEU A 382 -17.34 9.94 -5.82
CA LEU A 382 -16.86 10.58 -7.06
C LEU A 382 -16.84 12.09 -6.87
N ASN A 383 -15.81 12.71 -7.39
CA ASN A 383 -15.71 14.19 -7.53
C ASN A 383 -16.31 14.52 -8.89
N SER A 384 -15.76 13.95 -9.97
CA SER A 384 -16.32 13.96 -11.35
C SER A 384 -17.10 12.67 -11.64
N SER A 385 -18.29 12.78 -12.22
CA SER A 385 -19.11 11.62 -12.66
C SER A 385 -18.66 11.09 -14.00
N SER A 386 -17.62 11.67 -14.63
CA SER A 386 -17.15 11.19 -15.96
C SER A 386 -15.64 10.99 -16.05
N ASP A 387 -14.81 11.78 -15.36
CA ASP A 387 -13.35 11.87 -15.66
C ASP A 387 -12.59 11.05 -14.59
N VAL A 388 -11.99 9.92 -14.97
CA VAL A 388 -11.26 9.02 -14.02
C VAL A 388 -9.97 9.72 -13.60
N ARG A 389 -9.49 10.73 -14.33
CA ARG A 389 -8.21 11.40 -13.96
C ARG A 389 -8.48 12.42 -12.86
N ILE A 390 -9.73 12.78 -12.60
CA ILE A 390 -10.05 13.62 -11.43
C ILE A 390 -10.17 12.74 -10.19
N ALA A 391 -9.33 12.99 -9.20
CA ALA A 391 -9.25 12.12 -8.00
C ALA A 391 -10.62 12.09 -7.33
N PRO A 392 -11.05 10.96 -6.77
CA PRO A 392 -12.30 10.91 -6.04
C PRO A 392 -12.11 11.57 -4.64
N ASN A 393 -13.21 11.85 -3.97
CA ASN A 393 -13.22 12.36 -2.58
C ASN A 393 -12.96 11.18 -1.67
N ILE A 394 -12.09 11.30 -0.69
CA ILE A 394 -11.88 10.17 0.26
C ILE A 394 -11.86 10.74 1.68
N LYS A 395 -12.61 10.09 2.57
CA LYS A 395 -12.74 10.47 4.00
C LYS A 395 -12.51 9.21 4.80
N PHE A 396 -11.66 9.29 5.83
CA PHE A 396 -11.29 8.12 6.65
C PHE A 396 -11.98 8.16 8.01
N ASN A 397 -12.45 9.33 8.49
CA ASN A 397 -13.05 9.53 9.84
C ASN A 397 -12.13 9.08 10.97
N TYR A 398 -10.86 9.50 10.94
CA TYR A 398 -9.84 9.11 11.93
C TYR A 398 -10.43 9.30 13.34
N TYR A 399 -10.27 8.28 14.16
CA TYR A 399 -10.60 8.33 15.61
C TYR A 399 -12.11 8.57 15.80
N SER A 400 -12.96 8.21 14.84
CA SER A 400 -14.43 8.24 15.02
C SER A 400 -14.83 7.11 15.95
N ASN A 401 -14.06 6.02 15.95
CA ASN A 401 -14.23 4.85 16.85
C ASN A 401 -13.29 5.01 18.05
N SER A 402 -13.87 5.04 19.24
CA SER A 402 -13.12 5.30 20.51
C SER A 402 -12.09 4.19 20.79
N THR A 403 -12.27 2.95 20.30
CA THR A 403 -11.26 1.86 20.45
C THR A 403 -9.95 2.30 19.79
N ASP A 404 -10.01 2.88 18.59
CA ASP A 404 -8.83 3.39 17.85
C ASP A 404 -8.09 4.40 18.75
N LEU A 405 -8.84 5.30 19.38
CA LEU A 405 -8.21 6.35 20.21
C LEU A 405 -7.54 5.68 21.42
N ALA A 406 -8.22 4.71 22.05
CA ALA A 406 -7.68 3.96 23.19
C ALA A 406 -6.36 3.29 22.77
N ASN A 407 -6.31 2.73 21.56
CA ASN A 407 -5.12 1.97 21.10
C ASN A 407 -3.96 2.98 20.86
N CYS A 408 -4.23 4.13 20.29
CA CYS A 408 -3.21 5.19 20.08
C CYS A 408 -2.66 5.65 21.45
N VAL A 409 -3.50 5.86 22.44
CA VAL A 409 -3.03 6.18 23.83
C VAL A 409 -2.01 5.11 24.29
N SER A 410 -2.33 3.81 24.15
CA SER A 410 -1.41 2.74 24.59
C SER A 410 -0.11 2.84 23.78
N GLY A 411 -0.21 3.05 22.46
CA GLY A 411 0.98 3.18 21.60
C GLY A 411 1.86 4.36 22.01
N MET A 412 1.26 5.53 22.25
CA MET A 412 2.03 6.74 22.62
C MET A 412 2.70 6.53 24.01
N LYS A 413 2.04 5.86 24.94
CA LYS A 413 2.67 5.50 26.27
C LYS A 413 3.88 4.60 26.06
N LYS A 414 3.79 3.67 25.13
CA LYS A 414 4.90 2.76 24.81
C LYS A 414 6.04 3.55 24.16
N LEU A 415 5.76 4.52 23.28
CA LEU A 415 6.84 5.38 22.71
C LEU A 415 7.50 6.18 23.85
N GLY A 416 6.72 6.62 24.84
CA GLY A 416 7.23 7.18 26.11
C GLY A 416 8.26 6.27 26.77
N ASP A 417 7.91 4.99 26.96
CA ASP A 417 8.79 3.95 27.53
C ASP A 417 10.04 3.83 26.65
N LEU A 418 9.85 3.84 25.33
CA LEU A 418 11.00 3.74 24.42
C LEU A 418 11.97 4.90 24.64
N LEU A 419 11.49 6.14 24.74
CA LEU A 419 12.40 7.31 24.90
C LEU A 419 13.09 7.25 26.29
N ARG A 420 12.57 6.45 27.24
CA ARG A 420 13.21 6.28 28.58
C ARG A 420 14.27 5.17 28.64
N THR A 421 14.51 4.45 27.55
CA THR A 421 15.43 3.30 27.54
C THR A 421 16.88 3.81 27.58
N LYS A 422 17.77 2.99 28.11
CA LYS A 422 19.23 3.17 27.96
C LYS A 422 19.63 3.18 26.48
N ALA A 423 18.95 2.39 25.64
CA ALA A 423 19.19 2.39 24.17
C ALA A 423 19.17 3.81 23.61
N LEU A 424 18.17 4.61 24.02
CA LEU A 424 17.89 5.95 23.41
C LEU A 424 18.63 7.06 24.17
N GLU A 425 19.08 6.76 25.39
CA GLU A 425 19.68 7.77 26.29
C GLU A 425 20.80 8.54 25.58
N PRO A 426 21.72 7.90 24.81
CA PRO A 426 22.77 8.63 24.09
C PRO A 426 22.29 9.66 23.05
N TYR A 427 20.98 9.75 22.76
CA TYR A 427 20.45 10.60 21.66
C TYR A 427 19.81 11.86 22.26
N LYS A 428 19.86 12.01 23.59
CA LYS A 428 19.37 13.20 24.31
C LYS A 428 20.36 14.35 24.13
N ALA A 429 19.85 15.55 24.03
CA ALA A 429 20.62 16.81 24.02
C ALA A 429 21.07 17.18 25.44
N ARG A 430 20.26 16.85 26.45
CA ARG A 430 20.53 17.20 27.88
C ARG A 430 20.46 15.91 28.73
N ASP A 431 21.52 15.63 29.48
CA ASP A 431 21.64 14.44 30.36
C ASP A 431 20.81 14.70 31.63
N VAL A 432 19.53 14.98 31.47
CA VAL A 432 18.56 15.12 32.59
C VAL A 432 17.76 13.84 32.73
N LEU A 433 17.04 13.66 33.85
CA LEU A 433 16.30 12.40 34.11
C LEU A 433 15.15 12.21 33.12
N GLY A 434 14.50 13.28 32.66
CA GLY A 434 13.20 13.17 31.92
C GLY A 434 13.37 13.13 30.41
N ILE A 435 12.31 12.78 29.67
CA ILE A 435 12.36 12.75 28.17
C ILE A 435 12.30 14.18 27.62
N ASP A 436 12.12 15.22 28.44
CA ASP A 436 12.37 16.61 27.98
C ASP A 436 13.87 16.84 27.70
N GLY A 437 14.75 15.88 28.02
CA GLY A 437 16.19 15.93 27.66
C GLY A 437 16.43 15.76 26.17
N PHE A 438 15.48 15.17 25.44
CA PHE A 438 15.49 15.18 23.95
C PHE A 438 15.13 16.57 23.43
N ASN A 439 15.69 16.91 22.28
CA ASN A 439 15.23 17.98 21.37
C ASN A 439 14.24 17.35 20.37
N TYR A 440 13.09 17.96 20.16
CA TYR A 440 11.99 17.48 19.30
C TYR A 440 11.82 18.40 18.10
N LEU A 441 11.57 17.80 16.94
CA LEU A 441 10.93 18.52 15.83
C LEU A 441 9.43 18.30 15.93
N GLY A 442 8.67 19.39 16.03
CA GLY A 442 7.22 19.39 16.23
C GLY A 442 6.83 19.10 17.66
N VAL A 443 5.70 18.44 17.83
CA VAL A 443 5.03 18.28 19.15
C VAL A 443 5.67 17.09 19.87
N PRO A 444 6.22 17.31 21.09
CA PRO A 444 6.68 16.21 21.92
C PRO A 444 5.52 15.50 22.62
N LEU A 445 5.75 14.30 23.15
CA LEU A 445 4.75 13.60 23.99
C LEU A 445 4.39 14.53 25.11
N PRO A 446 3.12 14.52 25.56
CA PRO A 446 2.68 15.41 26.63
C PRO A 446 3.36 15.22 28.01
N GLN A 449 0.93 13.89 31.27
CA GLN A 449 0.95 13.53 32.71
C GLN A 449 0.35 12.14 32.91
N THR A 450 -0.10 11.88 34.15
CA THR A 450 -0.72 10.65 34.72
C THR A 450 -2.21 10.54 34.37
N ASP A 451 -2.64 11.12 33.25
CA ASP A 451 -4.05 11.10 32.79
C ASP A 451 -4.05 10.84 31.28
N ASP A 452 -5.04 10.06 30.83
CA ASP A 452 -5.20 9.62 29.43
C ASP A 452 -5.52 10.84 28.54
N ALA A 453 -6.23 11.87 29.05
CA ALA A 453 -6.79 12.99 28.25
C ALA A 453 -5.70 13.75 27.48
N SER A 454 -4.48 13.90 28.04
CA SER A 454 -3.40 14.64 27.34
C SER A 454 -2.93 13.79 26.14
N PHE A 455 -2.87 12.47 26.32
CA PHE A 455 -2.52 11.49 25.25
C PHE A 455 -3.61 11.48 24.19
N GLU A 456 -4.88 11.47 24.59
CA GLU A 456 -6.02 11.58 23.64
C GLU A 456 -5.85 12.82 22.76
N THR A 457 -5.61 13.99 23.35
CA THR A 457 -5.46 15.28 22.62
C THR A 457 -4.28 15.18 21.65
N PHE A 458 -3.16 14.64 22.11
CA PHE A 458 -1.96 14.43 21.28
C PHE A 458 -2.35 13.53 20.09
N CYS A 459 -3.03 12.40 20.33
CA CYS A 459 -3.39 11.44 19.25
C CYS A 459 -4.27 12.13 18.20
N LEU A 460 -5.33 12.79 18.66
CA LEU A 460 -6.33 13.45 17.79
C LEU A 460 -5.67 14.55 16.96
N ASP A 461 -4.79 15.32 17.59
CA ASP A 461 -4.27 16.60 17.02
C ASP A 461 -3.12 16.31 16.06
N ASN A 462 -2.38 15.23 16.26
CA ASN A 462 -1.09 15.11 15.54
C ASN A 462 -1.16 13.92 14.58
N VAL A 463 -2.35 13.36 14.35
CA VAL A 463 -2.49 12.13 13.50
C VAL A 463 -2.01 12.43 12.07
N ALA A 464 -1.37 11.45 11.46
CA ALA A 464 -1.03 11.44 10.02
C ALA A 464 -1.47 10.11 9.41
N SER A 465 -1.32 9.98 8.10
CA SER A 465 -1.60 8.69 7.42
C SER A 465 -0.41 7.76 7.61
N TYR A 466 -0.67 6.49 7.88
CA TYR A 466 0.37 5.44 7.80
C TYR A 466 0.59 5.06 6.33
N TRP A 467 -0.29 5.46 5.42
CA TRP A 467 -0.24 5.14 3.97
C TRP A 467 -0.75 3.71 3.68
N HIS A 468 -1.22 2.98 4.68
CA HIS A 468 -1.66 1.57 4.50
C HIS A 468 -3.18 1.50 4.41
N TYR A 469 -3.78 2.44 3.68
CA TYR A 469 -5.26 2.51 3.56
C TYR A 469 -5.72 1.31 2.75
N HIS A 470 -6.97 0.89 3.00
CA HIS A 470 -7.53 -0.36 2.48
C HIS A 470 -9.06 -0.26 2.55
N GLY A 471 -9.75 -1.13 1.83
CA GLY A 471 -11.22 -1.23 1.80
C GLY A 471 -11.84 -0.55 0.60
N GLY A 472 -13.18 -0.50 0.55
CA GLY A 472 -13.95 0.13 -0.53
C GLY A 472 -14.56 -0.88 -1.48
N SER A 473 -14.02 -2.10 -1.50
CA SER A 473 -14.58 -3.19 -2.31
C SER A 473 -14.49 -4.49 -1.54
N LEU A 474 -15.08 -4.55 -0.35
CA LEU A 474 -14.78 -5.63 0.64
C LEU A 474 -15.28 -7.01 0.18
N VAL A 475 -14.47 -8.03 0.43
CA VAL A 475 -14.96 -9.43 0.47
C VAL A 475 -16.09 -9.45 1.51
N GLY A 476 -17.24 -9.99 1.15
CA GLY A 476 -18.40 -10.10 2.04
C GLY A 476 -19.38 -8.95 1.87
N LYS A 477 -19.02 -7.91 1.09
CA LYS A 477 -19.87 -6.70 0.89
C LYS A 477 -20.02 -6.49 -0.61
N VAL A 478 -18.92 -6.39 -1.34
CA VAL A 478 -18.93 -6.23 -2.82
C VAL A 478 -18.53 -7.55 -3.47
N LEU A 479 -17.61 -8.30 -2.84
CA LEU A 479 -17.05 -9.52 -3.44
C LEU A 479 -17.49 -10.74 -2.64
N ASP A 480 -17.46 -11.88 -3.31
CA ASP A 480 -17.53 -13.24 -2.73
C ASP A 480 -16.11 -13.68 -2.32
N ASP A 481 -16.01 -14.88 -1.77
CA ASP A 481 -14.76 -15.48 -1.22
C ASP A 481 -13.79 -15.82 -2.36
N SER A 482 -14.17 -15.68 -3.63
CA SER A 482 -13.29 -15.91 -4.81
C SER A 482 -12.92 -14.57 -5.45
N PHE A 483 -13.26 -13.48 -4.79
CA PHE A 483 -12.92 -12.10 -5.20
C PHE A 483 -13.79 -11.71 -6.38
N ARG A 484 -14.90 -12.40 -6.62
CA ARG A 484 -15.82 -12.00 -7.72
C ARG A 484 -16.75 -10.89 -7.25
N VAL A 485 -17.01 -9.90 -8.12
CA VAL A 485 -18.05 -8.88 -7.86
C VAL A 485 -19.42 -9.58 -7.88
N MET A 486 -20.12 -9.54 -6.75
CA MET A 486 -21.41 -10.24 -6.60
C MET A 486 -22.39 -9.70 -7.64
N GLY A 487 -23.04 -10.60 -8.39
CA GLY A 487 -24.10 -10.23 -9.36
C GLY A 487 -23.51 -10.06 -10.74
N ILE A 488 -22.20 -10.08 -10.91
CA ILE A 488 -21.57 -9.83 -12.23
C ILE A 488 -20.64 -10.99 -12.56
N LYS A 489 -20.81 -11.60 -13.72
CA LYS A 489 -19.86 -12.63 -14.21
C LYS A 489 -18.64 -11.94 -14.84
N ALA A 490 -17.51 -12.65 -14.86
CA ALA A 490 -16.27 -12.24 -15.56
C ALA A 490 -15.73 -10.92 -14.97
N LEU A 491 -15.96 -10.65 -13.68
CA LEU A 491 -15.39 -9.45 -13.00
C LEU A 491 -14.91 -9.80 -11.60
N ARG A 492 -13.65 -9.50 -11.32
CA ARG A 492 -13.07 -9.65 -9.95
C ARG A 492 -12.35 -8.37 -9.55
N VAL A 493 -12.01 -8.29 -8.29
CA VAL A 493 -11.22 -7.20 -7.70
C VAL A 493 -10.13 -7.88 -6.89
N VAL A 494 -8.87 -7.53 -7.15
CA VAL A 494 -7.72 -7.99 -6.33
C VAL A 494 -6.74 -6.85 -6.13
N ASP A 495 -6.68 -6.35 -4.88
CA ASP A 495 -5.84 -5.24 -4.39
C ASP A 495 -6.21 -4.96 -2.92
N ALA A 496 -5.73 -3.85 -2.38
CA ALA A 496 -5.98 -3.47 -0.95
C ALA A 496 -7.42 -3.00 -0.72
N SER A 497 -8.25 -2.86 -1.75
CA SER A 497 -9.69 -2.51 -1.56
C SER A 497 -10.49 -3.66 -0.94
N THR A 498 -9.92 -4.86 -0.82
CA THR A 498 -10.67 -6.11 -0.54
C THR A 498 -10.84 -6.44 0.95
N PHE A 499 -10.08 -5.84 1.85
CA PHE A 499 -10.15 -6.24 3.29
C PHE A 499 -10.34 -5.03 4.16
N PRO A 500 -11.14 -5.18 5.25
CA PRO A 500 -11.40 -4.08 6.18
C PRO A 500 -10.43 -3.96 7.37
N TYR A 501 -9.51 -4.89 7.53
CA TYR A 501 -8.43 -4.82 8.54
C TYR A 501 -7.13 -5.13 7.84
N GLU A 502 -6.05 -4.69 8.42
CA GLU A 502 -4.68 -4.99 7.93
C GLU A 502 -4.41 -6.49 8.05
N PRO A 503 -3.59 -7.05 7.15
CA PRO A 503 -3.06 -8.40 7.33
C PRO A 503 -1.92 -8.47 8.37
N ASN A 504 -1.34 -7.31 8.67
CA ASN A 504 -0.05 -7.13 9.38
C ASN A 504 0.27 -5.64 9.45
N SER A 505 1.47 -5.27 9.95
CA SER A 505 1.89 -3.86 10.08
C SER A 505 2.24 -3.27 8.72
N HIS A 506 2.66 -4.09 7.76
CA HIS A 506 3.22 -3.67 6.46
C HIS A 506 2.69 -4.63 5.40
N PRO A 507 1.59 -4.22 4.74
CA PRO A 507 0.79 -5.12 3.92
C PRO A 507 1.26 -5.40 2.49
N GLN A 508 2.35 -4.79 1.99
CA GLN A 508 2.73 -5.01 0.56
C GLN A 508 2.96 -6.51 0.35
N GLY A 509 3.59 -7.19 1.32
CA GLY A 509 3.90 -8.63 1.19
C GLY A 509 2.62 -9.43 0.95
N PHE A 510 1.58 -9.09 1.69
CA PHE A 510 0.27 -9.80 1.56
C PHE A 510 -0.31 -9.53 0.17
N TYR A 511 -0.28 -8.27 -0.31
CA TYR A 511 -0.98 -7.90 -1.57
C TYR A 511 -0.20 -8.43 -2.77
N LEU A 512 1.15 -8.47 -2.71
CA LEU A 512 2.00 -9.16 -3.74
C LEU A 512 1.60 -10.65 -3.84
N MET A 513 1.54 -11.33 -2.71
CA MET A 513 1.13 -12.74 -2.61
C MET A 513 -0.29 -12.89 -3.16
N LEU A 514 -1.20 -11.97 -2.80
CA LEU A 514 -2.62 -12.08 -3.15
C LEU A 514 -2.80 -12.00 -4.68
N GLY A 515 -2.05 -11.16 -5.39
CA GLY A 515 -2.20 -11.07 -6.84
C GLY A 515 -1.97 -12.44 -7.48
N ARG A 516 -0.86 -13.08 -7.13
CA ARG A 516 -0.52 -14.39 -7.74
C ARG A 516 -1.53 -15.43 -7.26
N TYR A 517 -1.81 -15.47 -5.96
CA TYR A 517 -2.70 -16.48 -5.34
C TYR A 517 -4.06 -16.50 -6.06
N VAL A 518 -4.68 -15.34 -6.25
CA VAL A 518 -6.01 -15.25 -6.90
C VAL A 518 -5.83 -15.64 -8.38
N GLY A 519 -4.73 -15.25 -9.02
CA GLY A 519 -4.38 -15.73 -10.36
C GLY A 519 -4.40 -17.26 -10.46
N LEU A 520 -3.78 -17.94 -9.50
CA LEU A 520 -3.76 -19.41 -9.45
C LEU A 520 -5.18 -19.94 -9.19
N GLN A 521 -6.00 -19.29 -8.36
CA GLN A 521 -7.38 -19.75 -8.11
C GLN A 521 -8.22 -19.61 -9.41
N ILE A 522 -8.02 -18.53 -10.18
CA ILE A 522 -8.72 -18.32 -11.49
C ILE A 522 -8.35 -19.47 -12.41
N LEU A 523 -7.07 -19.73 -12.58
CA LEU A 523 -6.60 -20.82 -13.44
C LEU A 523 -7.18 -22.16 -12.97
N GLN A 524 -7.11 -22.48 -11.68
CA GLN A 524 -7.63 -23.78 -11.15
C GLN A 524 -9.13 -23.88 -11.47
N GLU A 525 -9.90 -22.81 -11.24
CA GLU A 525 -11.35 -22.74 -11.56
C GLU A 525 -11.52 -23.07 -13.06
N ARG A 526 -10.83 -22.36 -13.96
CA ARG A 526 -10.80 -22.56 -15.43
C ARG A 526 -10.74 -24.07 -15.72
N SER A 527 -9.64 -24.73 -15.29
CA SER A 527 -9.20 -26.10 -15.66
C SER A 527 -10.28 -27.17 -15.37
N ILE A 528 -11.26 -26.89 -14.52
CA ILE A 528 -12.39 -27.83 -14.22
C ILE A 528 -13.52 -27.60 -15.23
#